data_5ZMJ
#
_entry.id   5ZMJ
#
_cell.length_a   59.120
_cell.length_b   66.690
_cell.length_c   129.040
_cell.angle_alpha   90.00
_cell.angle_beta   90.00
_cell.angle_gamma   90.00
#
_symmetry.space_group_name_H-M   'P 21 21 21'
#
loop_
_entity.id
_entity.type
_entity.pdbx_description
1 polymer 'Heavy chain of a Fab fraction of human IgG'
2 polymer 'Light chain of a Fab fraction of human IgG'
3 non-polymer 'SULFATE ION'
4 non-polymer 'SODIUM ION'
5 water water
#
loop_
_entity_poly.entity_id
_entity_poly.type
_entity_poly.pdbx_seq_one_letter_code
_entity_poly.pdbx_strand_id
1 'polypeptide(L)'
;MDWTWRILFLVAAATGAPSQVHLVQSGSELKKPGASVKVSCKASGYSFSRYGIKWVRQAPGQGLEWMGWINTRSGVPAYA
QGFTGRFVFSLDTSVDTAFLEISSLKTEDTGIYYCATRPPRFYDKTEYWEDGFDVWGRGTLVTVSSASTKGPSVFPLAPS
SKSTSGGTAALGCLVKDYFPEPVTVSWNSGALTSGVHTFPAVLQSSGLYSLSSVVTVPSSSLGTQTYICNVNHKPSNTKV
DKRVEPKS
;
H
2 'polypeptide(L)'
;MAGFPLLLTLLTHCAGSWAQSVLTQPPSASGTPGQSVNISCSGSSSNIGNSYVYWYQQLPGTAPKLLIYRNNRRPSGVPD
RFSGSKSDTSASLAISGLRSEDEADYYCATWDDSLSGRLFGGGTKLTVLGQPKAAPSVTLFPPSSEELQANKATLVCLIS
DFYPGAVTVAWKADSSPVKAGVETTTPSKQSNNKYAASSYLSLTPEQWKSHRSYSCQVTHEGSTVEKTVAPTECS
;
L
#
# COMPACT_ATOMS: atom_id res chain seq x y z
N GLN A 20 5.92 17.65 -27.24
CA GLN A 20 5.35 16.64 -26.30
C GLN A 20 6.44 15.79 -25.65
N VAL A 21 6.41 15.73 -24.33
CA VAL A 21 7.38 14.95 -23.58
C VAL A 21 7.13 13.46 -23.72
N HIS A 22 8.20 12.72 -23.97
CA HIS A 22 8.19 11.27 -23.81
C HIS A 22 9.45 10.84 -23.06
N LEU A 23 9.25 10.07 -22.01
CA LEU A 23 10.37 9.52 -21.24
C LEU A 23 10.40 8.01 -21.38
N VAL A 24 11.54 7.48 -21.80
CA VAL A 24 11.71 6.04 -22.01
C VAL A 24 12.57 5.45 -20.90
N GLN A 25 12.03 4.51 -20.15
CA GLN A 25 12.73 3.95 -19.00
C GLN A 25 13.23 2.54 -19.28
N SER A 26 14.32 2.17 -18.65
CA SER A 26 14.91 0.86 -18.88
C SER A 26 14.02 -0.18 -18.23
N GLY A 27 14.13 -1.38 -18.73
CA GLY A 27 13.24 -2.42 -18.36
C GLY A 27 13.48 -2.90 -17.00
N SER A 28 12.61 -3.83 -16.65
CA SER A 28 12.58 -4.62 -15.44
C SER A 28 13.97 -5.10 -14.99
N GLU A 29 14.21 -5.17 -13.72
CA GLU A 29 15.45 -5.72 -13.19
C GLU A 29 15.20 -6.74 -12.12
N LEU A 30 15.95 -7.85 -12.17
CA LEU A 30 15.84 -8.92 -11.17
C LEU A 30 17.17 -9.03 -10.44
N LYS A 31 17.17 -8.64 -9.17
CA LYS A 31 18.41 -8.38 -8.44
C LYS A 31 18.46 -9.15 -7.12
N LYS A 32 19.66 -9.57 -6.74
CA LYS A 32 19.92 -10.14 -5.44
C LYS A 32 20.19 -9.05 -4.41
N PRO A 33 19.89 -9.33 -3.14
CA PRO A 33 20.28 -8.46 -2.05
C PRO A 33 21.78 -8.20 -2.05
N GLY A 34 22.12 -6.92 -1.95
CA GLY A 34 23.52 -6.50 -1.92
C GLY A 34 24.05 -6.10 -3.28
N ALA A 35 23.27 -6.37 -4.33
CA ALA A 35 23.66 -5.96 -5.68
C ALA A 35 23.36 -4.48 -5.89
N SER A 36 23.68 -3.96 -7.08
CA SER A 36 23.31 -2.60 -7.43
C SER A 36 22.54 -2.59 -8.73
N VAL A 37 21.83 -1.49 -8.97
CA VAL A 37 21.05 -1.36 -10.19
C VAL A 37 21.14 0.09 -10.70
N LYS A 38 21.17 0.25 -12.02
CA LYS A 38 21.15 1.57 -12.63
C LYS A 38 20.03 1.70 -13.65
N VAL A 39 18.99 2.44 -13.26
CA VAL A 39 17.78 2.61 -14.06
C VAL A 39 17.94 3.86 -14.91
N SER A 40 17.60 3.76 -16.19
CA SER A 40 17.71 4.92 -17.07
C SER A 40 16.36 5.53 -17.42
N CYS A 41 16.39 6.83 -17.71
CA CYS A 41 15.20 7.61 -18.01
C CYS A 41 15.54 8.58 -19.13
N LYS A 42 15.25 8.18 -20.37
CA LYS A 42 15.75 8.90 -21.53
C LYS A 42 14.66 9.76 -22.15
N ALA A 43 15.02 11.01 -22.43
CA ALA A 43 14.07 11.95 -23.02
C ALA A 43 13.98 11.73 -24.52
N SER A 44 12.76 11.77 -25.04
CA SER A 44 12.49 11.30 -26.40
C SER A 44 11.53 12.28 -27.08
N GLY A 45 12.09 13.11 -27.95
CA GLY A 45 11.27 14.00 -28.77
C GLY A 45 10.97 15.34 -28.12
N TYR A 46 11.74 15.68 -27.09
CA TYR A 46 11.82 17.06 -26.61
C TYR A 46 13.21 17.38 -26.07
N SER A 47 13.44 18.65 -25.73
CA SER A 47 14.75 19.09 -25.24
C SER A 47 14.94 18.77 -23.75
N PHE A 48 16.02 18.04 -23.46
CA PHE A 48 16.17 17.37 -22.17
C PHE A 48 16.33 18.39 -21.05
N SER A 49 17.00 19.50 -21.32
CA SER A 49 17.28 20.48 -20.27
C SER A 49 16.09 21.41 -20.02
N ARG A 50 15.00 21.20 -20.74
CA ARG A 50 13.81 22.06 -20.56
C ARG A 50 13.21 21.91 -19.16
N TYR A 51 13.16 20.67 -18.67
CA TYR A 51 12.45 20.33 -17.45
C TYR A 51 13.36 19.55 -16.51
N GLY A 52 13.18 19.78 -15.21
CA GLY A 52 13.71 18.89 -14.21
C GLY A 52 12.98 17.56 -14.19
N ILE A 53 13.66 16.56 -13.66
CA ILE A 53 13.15 15.19 -13.58
C ILE A 53 12.96 14.80 -12.12
N LYS A 54 11.77 14.33 -11.77
CA LYS A 54 11.52 13.79 -10.44
C LYS A 54 11.48 12.26 -10.49
N TRP A 55 11.89 11.65 -9.39
CA TRP A 55 11.83 10.21 -9.23
C TRP A 55 10.81 9.86 -8.15
N VAL A 56 10.03 8.82 -8.41
CA VAL A 56 8.93 8.44 -7.54
C VAL A 56 8.87 6.93 -7.46
N ARG A 57 8.81 6.40 -6.25
CA ARG A 57 8.73 4.95 -6.02
C ARG A 57 7.30 4.53 -5.71
N GLN A 58 6.95 3.32 -6.12
CA GLN A 58 5.69 2.73 -5.72
C GLN A 58 5.90 1.24 -5.42
N ALA A 59 5.86 0.90 -4.14
CA ALA A 59 5.84 -0.50 -3.73
C ALA A 59 4.55 -1.14 -4.21
N PRO A 60 4.57 -2.47 -4.39
CA PRO A 60 3.49 -3.18 -5.04
C PRO A 60 2.17 -2.99 -4.27
N GLY A 61 1.18 -2.42 -4.94
CA GLY A 61 -0.15 -2.26 -4.35
C GLY A 61 -0.28 -1.03 -3.45
N GLN A 62 0.76 -0.21 -3.36
CA GLN A 62 0.79 0.86 -2.38
C GLN A 62 1.03 2.23 -3.02
N GLY A 63 1.24 3.23 -2.19
CA GLY A 63 1.19 4.62 -2.64
C GLY A 63 2.44 5.11 -3.32
N LEU A 64 2.33 6.27 -3.95
CA LEU A 64 3.48 6.95 -4.53
C LEU A 64 4.36 7.59 -3.46
N GLU A 65 5.67 7.44 -3.58
CA GLU A 65 6.62 8.05 -2.65
C GLU A 65 7.62 8.89 -3.44
N TRP A 66 7.61 10.19 -3.20
CA TRP A 66 8.56 11.09 -3.87
C TRP A 66 9.98 10.86 -3.37
N MET A 67 10.92 10.66 -4.29
CA MET A 67 12.30 10.31 -3.92
C MET A 67 13.19 11.53 -3.99
N GLY A 68 12.77 12.54 -4.74
CA GLY A 68 13.61 13.68 -5.05
C GLY A 68 13.57 14.02 -6.52
N TRP A 69 14.47 14.90 -6.95
CA TRP A 69 14.48 15.34 -8.34
C TRP A 69 15.88 15.80 -8.72
N ILE A 70 16.13 15.88 -10.02
CA ILE A 70 17.43 16.34 -10.52
C ILE A 70 17.25 17.48 -11.51
N ASN A 71 18.07 18.51 -11.35
CA ASN A 71 18.06 19.67 -12.21
C ASN A 71 18.85 19.37 -13.47
N THR A 72 18.17 19.36 -14.62
CA THR A 72 18.78 18.89 -15.85
C THR A 72 19.59 20.00 -16.52
N ARG A 73 19.49 21.21 -15.98
CA ARG A 73 20.36 22.31 -16.42
C ARG A 73 21.68 22.29 -15.65
N SER A 74 21.61 22.33 -14.33
CA SER A 74 22.80 22.38 -13.49
C SER A 74 23.41 21.02 -13.21
N GLY A 75 22.57 19.99 -13.21
CA GLY A 75 23.01 18.64 -12.88
C GLY A 75 22.82 18.27 -11.42
N VAL A 76 22.45 19.22 -10.57
CA VAL A 76 22.44 19.00 -9.14
C VAL A 76 21.18 18.23 -8.70
N PRO A 77 21.37 17.13 -7.96
CA PRO A 77 20.21 16.39 -7.45
C PRO A 77 19.76 16.94 -6.10
N ALA A 78 18.50 16.65 -5.75
CA ALA A 78 17.96 16.93 -4.42
C ALA A 78 17.14 15.74 -3.98
N TYR A 79 17.42 15.24 -2.78
CA TYR A 79 16.85 13.96 -2.32
C TYR A 79 15.77 14.19 -1.27
N ALA A 80 14.76 13.33 -1.28
CA ALA A 80 13.80 13.29 -0.19
C ALA A 80 14.47 12.74 1.07
N GLN A 81 13.87 13.01 2.22
CA GLN A 81 14.47 12.67 3.50
C GLN A 81 14.60 11.15 3.68
N GLY A 82 13.69 10.41 3.06
CA GLY A 82 13.71 8.95 3.17
C GLY A 82 14.87 8.26 2.46
N PHE A 83 15.53 8.98 1.56
CA PHE A 83 16.37 8.35 0.54
C PHE A 83 17.81 8.83 0.63
N THR A 84 18.62 8.10 1.38
CA THR A 84 19.96 8.58 1.74
C THR A 84 21.04 7.99 0.84
N GLY A 85 22.10 7.47 1.43
CA GLY A 85 23.34 7.19 0.70
C GLY A 85 23.17 6.25 -0.48
N ARG A 86 22.23 5.31 -0.37
CA ARG A 86 22.15 4.22 -1.34
C ARG A 86 21.50 4.66 -2.66
N PHE A 87 20.78 5.78 -2.63
CA PHE A 87 20.06 6.26 -3.82
C PHE A 87 20.75 7.49 -4.41
N VAL A 88 21.16 7.38 -5.67
CA VAL A 88 21.90 8.45 -6.34
C VAL A 88 21.23 8.78 -7.68
N PHE A 89 20.89 10.04 -7.88
CA PHE A 89 20.47 10.53 -9.18
C PHE A 89 21.67 11.09 -9.94
N SER A 90 21.73 10.80 -11.24
CA SER A 90 22.76 11.38 -12.09
C SER A 90 22.22 11.59 -13.51
N LEU A 91 23.02 12.31 -14.33
CA LEU A 91 22.64 12.64 -15.70
C LEU A 91 23.76 12.21 -16.64
N ASP A 92 23.40 12.06 -17.91
CA ASP A 92 24.37 12.11 -18.99
C ASP A 92 23.74 12.92 -20.12
N THR A 93 24.04 14.21 -20.17
CA THR A 93 23.38 15.10 -21.09
C THR A 93 23.87 14.93 -22.54
N SER A 94 24.87 14.08 -22.74
CA SER A 94 25.27 13.67 -24.11
C SER A 94 24.19 12.82 -24.79
N VAL A 95 23.42 12.10 -23.99
CA VAL A 95 22.38 11.21 -24.51
C VAL A 95 21.04 11.45 -23.82
N ASP A 96 20.82 12.67 -23.34
CA ASP A 96 19.49 13.11 -22.91
C ASP A 96 18.89 12.16 -21.86
N THR A 97 19.72 11.69 -20.93
CA THR A 97 19.28 10.62 -20.02
C THR A 97 19.56 10.96 -18.56
N ALA A 98 18.55 10.75 -17.73
CA ALA A 98 18.72 10.75 -16.28
C ALA A 98 18.81 9.32 -15.76
N PHE A 99 19.61 9.11 -14.72
CA PHE A 99 19.75 7.78 -14.12
C PHE A 99 19.36 7.79 -12.64
N LEU A 100 18.84 6.65 -12.18
CA LEU A 100 18.77 6.35 -10.76
C LEU A 100 19.64 5.14 -10.47
N GLU A 101 20.57 5.31 -9.54
CA GLU A 101 21.50 4.26 -9.14
C GLU A 101 21.26 3.87 -7.69
N ILE A 102 20.92 2.61 -7.47
CA ILE A 102 20.73 2.10 -6.12
C ILE A 102 21.83 1.07 -5.80
N SER A 103 22.53 1.31 -4.70
CA SER A 103 23.56 0.37 -4.26
C SER A 103 23.04 -0.52 -3.12
N SER A 104 23.79 -1.58 -2.84
CA SER A 104 23.53 -2.42 -1.68
C SER A 104 22.04 -2.74 -1.51
N LEU A 105 21.43 -3.26 -2.57
CA LEU A 105 19.98 -3.36 -2.68
C LEU A 105 19.42 -4.23 -1.55
N LYS A 106 18.30 -3.78 -0.99
CA LYS A 106 17.57 -4.52 0.02
C LYS A 106 16.25 -5.05 -0.55
N THR A 107 15.71 -6.10 0.05
CA THR A 107 14.46 -6.66 -0.43
C THR A 107 13.35 -5.61 -0.34
N GLU A 108 13.45 -4.71 0.64
CA GLU A 108 12.46 -3.67 0.83
C GLU A 108 12.53 -2.55 -0.20
N ASP A 109 13.51 -2.59 -1.10
CA ASP A 109 13.60 -1.65 -2.23
C ASP A 109 12.68 -2.06 -3.39
N THR A 110 12.10 -3.25 -3.29
CA THR A 110 11.32 -3.80 -4.39
C THR A 110 10.15 -2.87 -4.71
N GLY A 111 9.98 -2.57 -5.99
CA GLY A 111 8.91 -1.67 -6.42
C GLY A 111 9.15 -1.09 -7.80
N ILE A 112 8.23 -0.24 -8.24
CA ILE A 112 8.38 0.43 -9.51
C ILE A 112 8.93 1.82 -9.28
N TYR A 113 9.95 2.16 -10.06
CA TYR A 113 10.58 3.46 -9.98
C TYR A 113 10.29 4.27 -11.22
N TYR A 114 9.47 5.30 -11.05
CA TYR A 114 9.08 6.20 -12.11
C TYR A 114 10.05 7.36 -12.17
N CYS A 115 10.32 7.81 -13.38
CA CYS A 115 10.77 9.19 -13.58
C CYS A 115 9.66 9.99 -14.24
N ALA A 116 9.74 11.31 -14.05
CA ALA A 116 8.79 12.20 -14.67
C ALA A 116 9.45 13.57 -14.79
N THR A 117 8.92 14.39 -15.66
CA THR A 117 9.19 15.82 -15.59
C THR A 117 8.49 16.41 -14.38
N ARG A 118 8.97 17.56 -13.94
CA ARG A 118 8.36 18.23 -12.81
C ARG A 118 8.37 19.75 -13.02
N PRO A 119 7.39 20.44 -12.41
CA PRO A 119 7.38 21.89 -12.31
C PRO A 119 8.23 22.40 -11.15
N PRO A 120 8.76 23.62 -11.28
CA PRO A 120 9.25 24.33 -10.10
C PRO A 120 8.13 24.72 -9.14
N ARG A 121 8.49 25.10 -7.93
CA ARG A 121 7.56 25.81 -7.06
C ARG A 121 7.21 27.14 -7.70
N PHE A 122 5.95 27.57 -7.54
CA PHE A 122 5.49 28.86 -8.05
C PHE A 122 5.03 29.75 -6.91
N TYR A 123 5.17 31.06 -7.09
CA TYR A 123 4.53 32.04 -6.21
C TYR A 123 3.04 32.15 -6.49
N ASP A 124 2.68 32.28 -7.76
CA ASP A 124 1.27 32.48 -8.13
C ASP A 124 0.99 31.95 -9.54
N LYS A 125 -0.27 32.03 -9.95
CA LYS A 125 -0.74 31.31 -11.12
C LYS A 125 -0.47 32.09 -12.40
N THR A 126 0.01 33.32 -12.25
CA THR A 126 0.36 34.15 -13.40
C THR A 126 1.65 33.65 -14.05
N GLU A 127 2.39 32.81 -13.34
CA GLU A 127 3.65 32.29 -13.86
C GLU A 127 3.45 31.34 -15.03
N TYR A 128 4.50 31.15 -15.83
CA TYR A 128 4.44 30.34 -17.03
C TYR A 128 4.14 28.89 -16.67
N TRP A 129 3.27 28.26 -17.46
CA TRP A 129 3.00 26.83 -17.35
C TRP A 129 2.97 26.16 -18.72
N GLU A 130 3.61 25.00 -18.82
CA GLU A 130 3.41 24.08 -19.93
C GLU A 130 3.01 22.73 -19.35
N ASP A 131 2.25 21.97 -20.12
CA ASP A 131 1.82 20.64 -19.67
C ASP A 131 3.02 19.70 -19.60
N GLY A 132 4.04 19.98 -20.40
CA GLY A 132 5.28 19.19 -20.36
C GLY A 132 5.96 19.21 -19.01
N PHE A 133 5.44 20.02 -18.09
CA PHE A 133 5.99 20.11 -16.74
C PHE A 133 5.78 18.84 -15.93
N ASP A 134 4.80 18.03 -16.31
CA ASP A 134 4.43 16.88 -15.47
C ASP A 134 3.97 15.68 -16.30
N VAL A 135 4.94 14.99 -16.89
CA VAL A 135 4.69 13.83 -17.73
C VAL A 135 5.61 12.69 -17.30
N TRP A 136 5.03 11.51 -17.11
CA TRP A 136 5.70 10.41 -16.44
C TRP A 136 6.16 9.35 -17.43
N GLY A 137 7.29 8.72 -17.13
CA GLY A 137 7.68 7.49 -17.78
C GLY A 137 6.85 6.32 -17.30
N ARG A 138 7.05 5.17 -17.91
CA ARG A 138 6.23 3.99 -17.66
C ARG A 138 6.60 3.33 -16.35
N GLY A 139 7.77 3.69 -15.82
CA GLY A 139 8.30 3.09 -14.62
C GLY A 139 9.18 1.88 -14.89
N THR A 140 10.13 1.66 -13.99
CA THR A 140 10.99 0.47 -14.03
C THR A 140 10.76 -0.36 -12.78
N LEU A 141 10.32 -1.61 -12.93
CA LEU A 141 10.22 -2.51 -11.80
C LEU A 141 11.58 -3.05 -11.41
N VAL A 142 11.96 -2.81 -10.17
CA VAL A 142 13.14 -3.43 -9.60
C VAL A 142 12.72 -4.43 -8.54
N THR A 143 13.00 -5.70 -8.80
CA THR A 143 12.71 -6.77 -7.87
C THR A 143 14.00 -7.22 -7.19
N VAL A 144 14.05 -7.06 -5.88
CA VAL A 144 15.14 -7.58 -5.07
C VAL A 144 14.67 -8.77 -4.24
N SER A 145 15.31 -9.91 -4.47
CA SER A 145 14.90 -11.18 -3.87
C SER A 145 16.08 -12.16 -3.94
N SER A 146 16.31 -12.89 -2.86
CA SER A 146 17.27 -14.00 -2.89
C SER A 146 16.73 -15.19 -3.67
N ALA A 147 15.41 -15.28 -3.74
CA ALA A 147 14.73 -16.46 -4.26
C ALA A 147 15.22 -17.74 -3.58
N SER A 148 15.61 -17.64 -2.32
CA SER A 148 15.95 -18.82 -1.54
C SER A 148 14.69 -19.51 -1.03
N THR A 149 14.67 -20.83 -1.11
CA THR A 149 13.53 -21.62 -0.64
C THR A 149 13.47 -21.57 0.88
N LYS A 150 12.34 -21.09 1.40
CA LYS A 150 12.12 -21.00 2.84
C LYS A 150 10.82 -21.69 3.18
N GLY A 151 10.86 -22.67 4.07
CA GLY A 151 9.64 -23.26 4.62
C GLY A 151 8.97 -22.34 5.63
N PRO A 152 7.68 -22.55 5.88
CA PRO A 152 6.94 -21.70 6.81
C PRO A 152 7.16 -22.06 8.27
N SER A 153 6.97 -21.09 9.15
CA SER A 153 6.66 -21.34 10.55
C SER A 153 5.17 -21.14 10.78
N VAL A 154 4.54 -22.13 11.40
CA VAL A 154 3.09 -22.11 11.55
C VAL A 154 2.72 -21.94 13.02
N PHE A 155 1.83 -21.00 13.29
CA PHE A 155 1.40 -20.71 14.65
C PHE A 155 -0.11 -20.74 14.77
N PRO A 156 -0.63 -21.26 15.89
CA PRO A 156 -2.07 -21.33 16.10
C PRO A 156 -2.62 -19.96 16.48
N LEU A 157 -3.76 -19.64 15.91
CA LEU A 157 -4.50 -18.44 16.28
C LEU A 157 -5.73 -18.84 17.10
N ALA A 158 -5.55 -18.83 18.41
CA ALA A 158 -6.52 -19.40 19.32
C ALA A 158 -7.89 -18.78 19.14
N PRO A 159 -8.95 -19.55 19.40
CA PRO A 159 -10.30 -19.06 19.15
C PRO A 159 -10.62 -17.77 19.89
N SER A 160 -11.27 -16.85 19.19
CA SER A 160 -11.83 -15.66 19.80
C SER A 160 -13.25 -15.44 19.29
N SER A 161 -14.13 -15.05 20.20
CA SER A 161 -15.55 -14.90 19.91
C SER A 161 -15.90 -13.47 19.51
N LYS A 162 -14.94 -12.56 19.64
CA LYS A 162 -15.24 -11.13 19.57
C LYS A 162 -15.94 -10.73 18.26
N SER A 163 -15.43 -11.25 17.15
CA SER A 163 -15.75 -10.72 15.83
C SER A 163 -16.84 -11.50 15.11
N THR A 164 -17.32 -12.59 15.71
CA THR A 164 -18.15 -13.53 14.98
C THR A 164 -19.59 -13.52 15.50
N SER A 165 -20.45 -14.25 14.81
CA SER A 165 -21.86 -14.35 15.16
C SER A 165 -22.04 -14.99 16.54
N GLY A 166 -23.24 -14.80 17.11
CA GLY A 166 -23.59 -15.44 18.35
C GLY A 166 -23.30 -16.93 18.33
N GLY A 167 -22.64 -17.41 19.39
CA GLY A 167 -22.49 -18.84 19.61
C GLY A 167 -21.38 -19.45 18.77
N THR A 168 -20.54 -18.59 18.18
CA THR A 168 -19.41 -19.05 17.38
C THR A 168 -18.13 -18.35 17.82
N ALA A 169 -17.01 -18.89 17.34
CA ALA A 169 -15.71 -18.25 17.51
C ALA A 169 -14.86 -18.45 16.26
N ALA A 170 -13.96 -17.50 16.00
CA ALA A 170 -12.97 -17.63 14.93
C ALA A 170 -11.65 -18.15 15.49
N LEU A 171 -11.07 -19.12 14.80
CA LEU A 171 -9.73 -19.58 15.11
C LEU A 171 -9.00 -19.82 13.82
N GLY A 172 -7.68 -19.94 13.88
CA GLY A 172 -6.92 -19.93 12.64
C GLY A 172 -5.49 -20.36 12.78
N CYS A 173 -4.80 -20.35 11.65
CA CYS A 173 -3.37 -20.57 11.63
C CYS A 173 -2.69 -19.44 10.88
N LEU A 174 -1.57 -19.00 11.45
CA LEU A 174 -0.68 -18.02 10.84
C LEU A 174 0.49 -18.75 10.22
N VAL A 175 0.65 -18.60 8.90
CA VAL A 175 1.69 -19.30 8.15
C VAL A 175 2.74 -18.29 7.69
N LYS A 176 3.85 -18.24 8.43
CA LYS A 176 4.76 -17.08 8.39
C LYS A 176 6.01 -17.39 7.58
N ASP A 177 6.46 -16.42 6.80
CA ASP A 177 7.83 -16.38 6.29
C ASP A 177 8.18 -17.61 5.47
N TYR A 178 7.55 -17.74 4.31
CA TYR A 178 7.90 -18.78 3.37
C TYR A 178 8.17 -18.21 1.99
N PHE A 179 8.85 -18.99 1.16
CA PHE A 179 9.15 -18.61 -0.22
C PHE A 179 9.52 -19.86 -0.98
N PRO A 180 9.13 -19.97 -2.26
CA PRO A 180 8.15 -19.11 -2.90
C PRO A 180 6.72 -19.50 -2.55
N GLU A 181 5.74 -18.89 -3.22
CA GLU A 181 4.39 -19.45 -3.27
C GLU A 181 4.45 -20.80 -3.98
N PRO A 182 3.47 -21.68 -3.73
CA PRO A 182 2.31 -21.41 -2.90
C PRO A 182 2.32 -22.22 -1.60
N VAL A 183 1.42 -21.86 -0.70
CA VAL A 183 1.04 -22.69 0.43
C VAL A 183 -0.44 -23.03 0.31
N THR A 184 -0.78 -24.28 0.60
CA THR A 184 -2.18 -24.66 0.76
C THR A 184 -2.50 -24.96 2.22
N VAL A 185 -3.73 -24.62 2.62
CA VAL A 185 -4.21 -24.92 3.96
C VAL A 185 -5.57 -25.60 3.88
N SER A 186 -5.66 -26.76 4.53
CA SER A 186 -6.94 -27.41 4.77
C SER A 186 -7.18 -27.50 6.26
N TRP A 187 -8.42 -27.81 6.63
CA TRP A 187 -8.77 -27.97 8.03
C TRP A 187 -9.36 -29.36 8.27
N ASN A 188 -8.84 -30.02 9.30
CA ASN A 188 -9.23 -31.38 9.67
C ASN A 188 -9.16 -32.29 8.45
N SER A 189 -8.04 -32.19 7.73
CA SER A 189 -7.75 -33.02 6.57
C SER A 189 -8.86 -32.96 5.53
N GLY A 190 -9.49 -31.79 5.40
CA GLY A 190 -10.47 -31.55 4.36
C GLY A 190 -11.91 -31.78 4.80
N ALA A 191 -12.08 -32.27 6.02
CA ALA A 191 -13.42 -32.54 6.55
C ALA A 191 -14.13 -31.24 6.91
N LEU A 192 -13.36 -30.20 7.21
CA LEU A 192 -13.93 -28.92 7.60
C LEU A 192 -13.70 -27.86 6.52
N THR A 193 -14.76 -27.50 5.80
CA THR A 193 -14.65 -26.57 4.68
C THR A 193 -15.54 -25.35 4.88
N SER A 194 -16.67 -25.54 5.57
CA SER A 194 -17.62 -24.47 5.76
C SER A 194 -17.03 -23.34 6.61
N GLY A 195 -17.03 -22.13 6.05
CA GLY A 195 -16.64 -20.95 6.79
C GLY A 195 -15.13 -20.78 6.87
N VAL A 196 -14.41 -21.54 6.05
CA VAL A 196 -12.96 -21.38 5.93
C VAL A 196 -12.63 -20.23 4.99
N HIS A 197 -11.71 -19.38 5.43
CA HIS A 197 -11.14 -18.37 4.56
C HIS A 197 -9.63 -18.36 4.70
N THR A 198 -8.95 -18.77 3.64
CA THR A 198 -7.51 -18.68 3.57
C THR A 198 -7.14 -17.44 2.76
N PHE A 199 -6.66 -16.44 3.49
CA PHE A 199 -6.42 -15.10 2.92
C PHE A 199 -5.26 -15.11 1.92
N PRO A 200 -5.40 -14.35 0.83
CA PRO A 200 -4.25 -14.07 -0.03
C PRO A 200 -3.02 -13.69 0.79
N ALA A 201 -1.87 -14.21 0.40
CA ALA A 201 -0.63 -13.97 1.14
C ALA A 201 -0.18 -12.53 0.96
N VAL A 202 0.52 -12.03 1.97
CA VAL A 202 1.18 -10.75 1.89
C VAL A 202 2.65 -11.02 1.46
N LEU A 203 3.23 -10.18 0.61
CA LEU A 203 4.61 -10.33 0.21
C LEU A 203 5.30 -9.22 0.98
N GLN A 204 6.01 -9.62 2.01
CA GLN A 204 6.59 -8.70 2.93
C GLN A 204 7.80 -7.97 2.41
N SER A 205 8.15 -6.89 3.08
CA SER A 205 9.33 -6.11 2.73
C SER A 205 10.59 -6.94 2.81
N SER A 206 10.50 -8.05 3.54
CA SER A 206 11.62 -9.00 3.68
C SER A 206 11.84 -9.82 2.43
N GLY A 207 10.82 -9.86 1.57
CA GLY A 207 10.82 -10.71 0.39
C GLY A 207 10.23 -12.09 0.62
N LEU A 208 9.73 -12.31 1.83
CA LEU A 208 9.05 -13.56 2.14
C LEU A 208 7.53 -13.36 2.18
N TYR A 209 6.81 -14.45 2.05
CA TYR A 209 5.35 -14.42 2.13
C TYR A 209 4.88 -14.80 3.53
N SER A 210 3.72 -14.29 3.92
CA SER A 210 2.92 -14.91 4.98
C SER A 210 1.46 -14.98 4.57
N LEU A 211 0.72 -15.87 5.23
CA LEU A 211 -0.74 -15.85 5.12
C LEU A 211 -1.40 -16.41 6.36
N SER A 212 -2.69 -16.11 6.48
CA SER A 212 -3.51 -16.66 7.54
C SER A 212 -4.71 -17.39 6.97
N SER A 213 -5.07 -18.49 7.61
CA SER A 213 -6.32 -19.18 7.33
C SER A 213 -7.18 -19.22 8.58
N VAL A 214 -8.43 -18.77 8.46
CA VAL A 214 -9.32 -18.63 9.61
CA VAL A 214 -9.31 -18.69 9.62
C VAL A 214 -10.62 -19.38 9.33
N VAL A 215 -11.19 -19.97 10.38
CA VAL A 215 -12.45 -20.67 10.28
C VAL A 215 -13.34 -20.33 11.47
N THR A 216 -14.62 -20.08 11.20
CA THR A 216 -15.58 -19.83 12.25
C THR A 216 -16.32 -21.11 12.65
N VAL A 217 -16.29 -21.43 13.94
CA VAL A 217 -16.79 -22.71 14.45
C VAL A 217 -17.70 -22.50 15.66
N PRO A 218 -18.44 -23.55 16.06
CA PRO A 218 -19.36 -23.34 17.17
C PRO A 218 -18.63 -23.23 18.50
N SER A 219 -19.05 -22.29 19.34
CA SER A 219 -18.40 -22.07 20.63
C SER A 219 -18.60 -23.27 21.55
N SER A 220 -19.75 -23.91 21.44
CA SER A 220 -20.07 -25.05 22.28
C SER A 220 -19.14 -26.23 21.98
N SER A 221 -18.58 -26.25 20.78
CA SER A 221 -17.73 -27.37 20.32
C SER A 221 -16.31 -27.27 20.88
N LEU A 222 -15.92 -26.07 21.29
CA LEU A 222 -14.55 -25.76 21.66
C LEU A 222 -13.89 -26.69 22.62
N GLY A 223 -14.65 -27.17 23.60
CA GLY A 223 -14.13 -28.08 24.60
C GLY A 223 -14.14 -29.56 24.22
N THR A 224 -14.57 -29.87 22.99
CA THR A 224 -14.62 -31.23 22.55
C THR A 224 -14.40 -31.60 21.11
N GLN A 225 -14.26 -30.62 20.26
CA GLN A 225 -13.95 -30.85 18.85
C GLN A 225 -12.53 -30.37 18.56
N THR A 226 -11.72 -31.26 17.98
CA THR A 226 -10.34 -30.93 17.62
C THR A 226 -10.32 -30.19 16.29
N TYR A 227 -9.56 -29.10 16.23
CA TYR A 227 -9.35 -28.35 14.99
C TYR A 227 -7.88 -28.29 14.62
N ILE A 228 -7.56 -28.78 13.44
CA ILE A 228 -6.17 -28.90 13.00
C ILE A 228 -6.05 -28.28 11.63
N CYS A 229 -5.15 -27.31 11.47
CA CYS A 229 -4.86 -26.82 10.13
C CYS A 229 -3.76 -27.64 9.50
N ASN A 230 -3.98 -28.02 8.24
CA ASN A 230 -3.01 -28.79 7.49
C ASN A 230 -2.33 -27.90 6.43
N VAL A 231 -1.10 -27.49 6.74
CA VAL A 231 -0.35 -26.55 5.92
C VAL A 231 0.64 -27.32 5.04
N ASN A 232 0.59 -27.09 3.73
CA ASN A 232 1.47 -27.75 2.79
C ASN A 232 2.23 -26.69 1.98
N HIS A 233 3.54 -26.70 2.11
CA HIS A 233 4.40 -25.85 1.30
C HIS A 233 5.26 -26.70 0.37
N LYS A 234 4.68 -27.05 -0.77
CA LYS A 234 5.33 -27.95 -1.73
C LYS A 234 6.76 -27.52 -2.04
N PRO A 235 6.97 -26.22 -2.29
CA PRO A 235 8.28 -25.82 -2.77
C PRO A 235 9.44 -26.17 -1.82
N SER A 236 9.17 -26.21 -0.53
CA SER A 236 10.18 -26.62 0.45
C SER A 236 10.01 -28.06 0.92
N ASN A 237 9.01 -28.74 0.37
CA ASN A 237 8.61 -30.06 0.85
C ASN A 237 8.37 -30.07 2.36
N THR A 238 7.58 -29.10 2.82
CA THR A 238 7.25 -28.96 4.22
C THR A 238 5.75 -29.19 4.41
N LYS A 239 5.39 -30.06 5.35
CA LYS A 239 4.00 -30.18 5.81
C LYS A 239 3.93 -29.97 7.31
N VAL A 240 2.99 -29.15 7.74
CA VAL A 240 2.78 -28.92 9.16
C VAL A 240 1.30 -29.11 9.47
N ASP A 241 1.01 -29.89 10.50
CA ASP A 241 -0.34 -29.94 11.04
C ASP A 241 -0.34 -29.33 12.44
N LYS A 242 -1.12 -28.27 12.61
CA LYS A 242 -1.18 -27.59 13.89
C LYS A 242 -2.57 -27.71 14.49
N ARG A 243 -2.63 -28.28 15.69
CA ARG A 243 -3.83 -28.27 16.51
C ARG A 243 -4.00 -26.89 17.12
N VAL A 244 -5.19 -26.34 16.95
CA VAL A 244 -5.49 -25.01 17.44
C VAL A 244 -6.47 -25.12 18.59
N GLU A 245 -5.94 -24.92 19.80
CA GLU A 245 -6.70 -25.10 21.03
C GLU A 245 -7.08 -23.75 21.63
N PRO A 246 -8.08 -23.74 22.52
CA PRO A 246 -8.45 -22.52 23.24
C PRO A 246 -7.34 -21.96 24.10
N SER B 21 4.89 14.73 8.31
CA SER B 21 3.79 15.41 7.56
C SER B 21 3.20 14.46 6.53
N VAL B 22 1.87 14.33 6.55
CA VAL B 22 1.18 13.53 5.55
C VAL B 22 -0.04 14.28 5.00
N LEU B 23 -0.36 14.00 3.75
CA LEU B 23 -1.62 14.43 3.17
C LEU B 23 -2.60 13.29 3.24
N THR B 24 -3.69 13.49 3.97
CA THR B 24 -4.60 12.40 4.29
C THR B 24 -5.72 12.35 3.26
N GLN B 25 -5.79 11.22 2.57
CA GLN B 25 -6.87 10.98 1.63
C GLN B 25 -7.66 9.78 2.13
N PRO B 26 -8.98 9.80 1.96
CA PRO B 26 -9.72 8.57 2.19
C PRO B 26 -9.28 7.43 1.29
N PRO B 27 -9.42 6.19 1.78
CA PRO B 27 -9.01 5.06 0.96
C PRO B 27 -9.92 4.88 -0.26
N SER B 28 -11.20 5.19 -0.08
CA SER B 28 -12.25 4.85 -1.04
C SER B 28 -13.20 6.04 -1.23
N ALA B 29 -13.55 6.29 -2.49
CA ALA B 29 -14.65 7.18 -2.82
C ALA B 29 -15.46 6.51 -3.94
N SER B 30 -16.78 6.66 -3.86
CA SER B 30 -17.65 5.86 -4.72
C SER B 30 -18.95 6.58 -5.06
N GLY B 31 -19.56 6.15 -6.15
CA GLY B 31 -20.90 6.60 -6.53
C GLY B 31 -21.49 5.65 -7.55
N THR B 32 -22.73 5.92 -7.93
CA THR B 32 -23.33 5.23 -9.06
C THR B 32 -23.11 6.02 -10.35
N PRO B 33 -23.34 5.37 -11.48
CA PRO B 33 -23.05 6.01 -12.76
C PRO B 33 -23.77 7.35 -12.88
N GLY B 34 -23.01 8.39 -13.24
CA GLY B 34 -23.58 9.71 -13.44
C GLY B 34 -23.53 10.60 -12.21
N GLN B 35 -23.27 10.00 -11.06
CA GLN B 35 -23.19 10.77 -9.82
C GLN B 35 -21.95 11.65 -9.80
N SER B 36 -21.90 12.58 -8.85
CA SER B 36 -20.66 13.28 -8.54
C SER B 36 -20.00 12.68 -7.31
N VAL B 37 -18.67 12.62 -7.32
CA VAL B 37 -17.90 12.22 -6.16
C VAL B 37 -16.86 13.28 -5.82
N ASN B 38 -16.54 13.42 -4.55
CA ASN B 38 -15.66 14.49 -4.07
C ASN B 38 -14.58 13.90 -3.16
N ILE B 39 -13.34 13.87 -3.64
CA ILE B 39 -12.24 13.20 -2.97
C ILE B 39 -11.40 14.22 -2.18
N SER B 40 -11.24 14.00 -0.89
CA SER B 40 -10.60 15.00 -0.03
C SER B 40 -9.11 14.73 0.14
N CYS B 41 -8.39 15.79 0.48
CA CYS B 41 -6.95 15.73 0.68
C CYS B 41 -6.59 16.72 1.78
N SER B 42 -6.30 16.19 2.96
CA SER B 42 -6.18 17.02 4.16
C SER B 42 -4.73 17.20 4.56
N GLY B 43 -4.29 18.45 4.63
CA GLY B 43 -2.90 18.75 4.95
C GLY B 43 -2.76 19.71 6.12
N SER B 44 -1.75 20.57 6.03
CA SER B 44 -1.40 21.47 7.10
C SER B 44 -0.87 22.76 6.50
N SER B 45 -0.51 23.70 7.36
CA SER B 45 -0.05 25.01 6.92
C SER B 45 1.27 24.91 6.16
N SER B 46 2.02 23.84 6.39
CA SER B 46 3.35 23.73 5.83
C SER B 46 3.39 22.88 4.56
N ASN B 47 2.23 22.43 4.09
CA ASN B 47 2.14 21.90 2.73
C ASN B 47 1.05 22.57 1.90
N ILE B 48 -0.20 22.14 2.05
CA ILE B 48 -1.29 22.70 1.26
C ILE B 48 -1.50 24.17 1.61
N GLY B 49 -1.25 24.52 2.86
CA GLY B 49 -1.38 25.91 3.30
C GLY B 49 -0.53 26.89 2.50
N ASN B 50 0.58 26.41 1.97
CA ASN B 50 1.68 27.26 1.51
C ASN B 50 1.93 27.12 0.00
N SER B 51 1.42 26.03 -0.57
CA SER B 51 1.86 25.58 -1.88
C SER B 51 0.69 25.17 -2.77
N TYR B 52 0.97 25.02 -4.05
CA TYR B 52 -0.02 24.60 -5.02
C TYR B 52 -0.26 23.09 -4.95
N VAL B 53 -1.50 22.70 -5.21
CA VAL B 53 -1.88 21.29 -5.18
C VAL B 53 -1.98 20.74 -6.60
N TYR B 54 -1.52 19.51 -6.76
CA TYR B 54 -1.65 18.77 -8.01
C TYR B 54 -2.44 17.48 -7.72
N TRP B 55 -3.19 17.04 -8.71
CA TRP B 55 -3.84 15.74 -8.66
C TRP B 55 -3.35 14.87 -9.79
N TYR B 56 -3.18 13.57 -9.51
CA TYR B 56 -2.83 12.59 -10.51
C TYR B 56 -3.88 11.47 -10.55
N GLN B 57 -4.12 10.97 -11.74
CA GLN B 57 -4.93 9.79 -11.95
C GLN B 57 -4.00 8.63 -12.28
N GLN B 58 -4.14 7.54 -11.54
CA GLN B 58 -3.39 6.34 -11.85
C GLN B 58 -4.32 5.15 -12.01
N LEU B 59 -4.55 4.77 -13.25
CA LEU B 59 -5.17 3.49 -13.53
C LEU B 59 -4.26 2.34 -13.14
N PRO B 60 -4.85 1.25 -12.63
CA PRO B 60 -4.04 0.14 -12.14
C PRO B 60 -3.04 -0.34 -13.19
N GLY B 61 -1.78 -0.43 -12.78
CA GLY B 61 -0.72 -0.95 -13.64
C GLY B 61 -0.18 0.05 -14.63
N THR B 62 -0.56 1.31 -14.49
CA THR B 62 -0.15 2.35 -15.43
C THR B 62 0.50 3.52 -14.71
N ALA B 63 1.26 4.31 -15.44
CA ALA B 63 1.87 5.49 -14.86
C ALA B 63 0.81 6.52 -14.47
N PRO B 64 1.01 7.18 -13.33
CA PRO B 64 0.21 8.34 -12.99
C PRO B 64 0.20 9.38 -14.12
N LYS B 65 -0.94 10.02 -14.29
CA LYS B 65 -1.14 11.07 -15.28
C LYS B 65 -1.59 12.32 -14.56
N LEU B 66 -1.02 13.46 -14.92
CA LEU B 66 -1.50 14.72 -14.40
C LEU B 66 -2.97 14.96 -14.73
N LEU B 67 -3.73 15.32 -13.70
CA LEU B 67 -5.17 15.60 -13.83
C LEU B 67 -5.44 17.08 -13.58
N ILE B 68 -4.90 17.58 -12.47
CA ILE B 68 -5.11 18.97 -12.04
C ILE B 68 -3.77 19.57 -11.63
N TYR B 69 -3.49 20.81 -12.04
CA TYR B 69 -2.33 21.53 -11.54
C TYR B 69 -2.72 22.90 -10.97
N ARG B 70 -1.90 23.42 -10.06
CA ARG B 70 -2.16 24.70 -9.41
C ARG B 70 -3.59 24.76 -8.89
N ASN B 71 -3.96 23.74 -8.11
CA ASN B 71 -5.23 23.69 -7.39
C ASN B 71 -6.43 23.36 -8.27
N ASN B 72 -6.59 24.04 -9.40
CA ASN B 72 -7.86 23.95 -10.12
C ASN B 72 -7.75 24.02 -11.64
N ARG B 73 -6.53 23.91 -12.17
CA ARG B 73 -6.33 24.02 -13.61
C ARG B 73 -6.19 22.64 -14.25
N ARG B 74 -6.76 22.50 -15.44
CA ARG B 74 -6.70 21.23 -16.17
C ARG B 74 -5.70 21.31 -17.32
N PRO B 75 -4.82 20.30 -17.44
CA PRO B 75 -4.04 20.15 -18.66
C PRO B 75 -4.89 19.73 -19.85
N SER B 76 -4.32 19.82 -21.05
CA SER B 76 -5.04 19.47 -22.27
C SER B 76 -5.49 18.02 -22.24
N GLY B 77 -6.73 17.79 -22.66
CA GLY B 77 -7.26 16.43 -22.75
C GLY B 77 -8.01 16.00 -21.51
N VAL B 78 -7.94 16.79 -20.44
CA VAL B 78 -8.70 16.51 -19.22
C VAL B 78 -10.04 17.22 -19.24
N PRO B 79 -11.13 16.45 -19.19
CA PRO B 79 -12.47 17.05 -19.31
C PRO B 79 -12.86 17.83 -18.08
N ASP B 80 -13.77 18.80 -18.22
CA ASP B 80 -14.10 19.66 -17.11
C ASP B 80 -15.07 19.01 -16.14
N ARG B 81 -15.34 17.71 -16.37
CA ARG B 81 -15.92 16.83 -15.34
C ARG B 81 -15.04 16.82 -14.09
N PHE B 82 -13.74 16.88 -14.31
CA PHE B 82 -12.79 16.89 -13.20
C PHE B 82 -12.51 18.32 -12.77
N SER B 83 -12.72 18.58 -11.49
CA SER B 83 -12.53 19.92 -10.93
C SER B 83 -11.69 19.80 -9.66
N GLY B 84 -10.82 20.78 -9.44
CA GLY B 84 -10.05 20.83 -8.22
C GLY B 84 -10.35 22.07 -7.41
N SER B 85 -10.20 21.97 -6.09
CA SER B 85 -10.37 23.10 -5.21
C SER B 85 -9.38 23.05 -4.05
N LYS B 86 -9.04 24.23 -3.54
CA LYS B 86 -8.21 24.36 -2.35
C LYS B 86 -8.85 25.36 -1.39
N SER B 87 -8.96 24.97 -0.13
CA SER B 87 -9.40 25.87 0.93
C SER B 87 -8.50 25.74 2.16
N ASP B 88 -7.79 26.82 2.47
CA ASP B 88 -6.86 26.85 3.60
C ASP B 88 -5.84 25.71 3.54
N THR B 89 -6.03 24.69 4.37
CA THR B 89 -5.08 23.57 4.43
C THR B 89 -5.69 22.24 4.00
N SER B 90 -6.76 22.31 3.23
CA SER B 90 -7.30 21.12 2.57
C SER B 90 -7.52 21.38 1.09
N ALA B 91 -7.65 20.31 0.33
CA ALA B 91 -7.97 20.40 -1.10
C ALA B 91 -8.94 19.29 -1.45
N SER B 92 -9.53 19.36 -2.63
CA SER B 92 -10.51 18.37 -3.03
C SER B 92 -10.55 18.24 -4.55
N LEU B 93 -10.83 17.02 -4.99
CA LEU B 93 -11.05 16.74 -6.39
C LEU B 93 -12.48 16.27 -6.56
N ALA B 94 -13.25 16.98 -7.37
CA ALA B 94 -14.61 16.57 -7.69
C ALA B 94 -14.68 15.95 -9.07
N ILE B 95 -15.37 14.83 -9.18
CA ILE B 95 -15.62 14.19 -10.47
C ILE B 95 -17.11 14.05 -10.70
N SER B 96 -17.63 14.77 -11.69
CA SER B 96 -19.05 14.69 -12.03
C SER B 96 -19.22 13.74 -13.20
N GLY B 97 -20.46 13.32 -13.45
CA GLY B 97 -20.74 12.41 -14.56
C GLY B 97 -19.96 11.11 -14.44
N LEU B 98 -19.94 10.53 -13.25
CA LEU B 98 -19.12 9.36 -12.95
C LEU B 98 -19.35 8.23 -13.96
N ARG B 99 -18.27 7.73 -14.55
CA ARG B 99 -18.34 6.56 -15.41
C ARG B 99 -17.26 5.54 -15.09
N SER B 100 -17.40 4.35 -15.67
CA SER B 100 -16.48 3.24 -15.40
C SER B 100 -15.04 3.62 -15.70
N GLU B 101 -14.83 4.30 -16.82
CA GLU B 101 -13.48 4.66 -17.23
C GLU B 101 -12.78 5.57 -16.22
N ASP B 102 -13.52 6.13 -15.27
CA ASP B 102 -12.91 6.93 -14.20
C ASP B 102 -12.27 6.09 -13.11
N GLU B 103 -12.61 4.81 -13.07
CA GLU B 103 -12.17 3.97 -11.97
C GLU B 103 -10.64 3.87 -11.99
N ALA B 104 -10.03 4.27 -10.87
CA ALA B 104 -8.60 4.50 -10.80
C ALA B 104 -8.26 4.92 -9.38
N ASP B 105 -6.96 4.97 -9.06
CA ASP B 105 -6.50 5.66 -7.86
C ASP B 105 -6.17 7.13 -8.15
N TYR B 106 -6.56 8.02 -7.26
CA TYR B 106 -6.31 9.45 -7.43
C TYR B 106 -5.46 9.95 -6.28
N TYR B 107 -4.41 10.68 -6.63
CA TYR B 107 -3.46 11.15 -5.64
C TYR B 107 -3.43 12.67 -5.68
N CYS B 108 -3.39 13.29 -4.51
CA CYS B 108 -3.00 14.69 -4.42
C CYS B 108 -1.52 14.79 -4.06
N ALA B 109 -0.93 15.96 -4.32
CA ALA B 109 0.48 16.19 -4.06
C ALA B 109 0.71 17.68 -3.91
N THR B 110 1.59 18.05 -2.99
CA THR B 110 2.02 19.43 -2.86
C THR B 110 3.46 19.46 -2.35
N TRP B 111 4.08 20.64 -2.41
CA TRP B 111 5.36 20.82 -1.74
C TRP B 111 5.16 20.94 -0.24
N ASP B 112 5.95 20.19 0.51
CA ASP B 112 5.87 20.26 1.96
C ASP B 112 7.15 20.91 2.51
N ASP B 113 6.99 22.11 3.08
CA ASP B 113 8.12 22.89 3.56
C ASP B 113 8.86 22.19 4.68
N SER B 114 8.20 21.31 5.37
CA SER B 114 8.80 20.62 6.45
C SER B 114 9.67 19.44 6.04
N LEU B 115 9.32 18.82 4.95
CA LEU B 115 10.09 17.68 4.43
C LEU B 115 11.10 18.20 3.41
N SER B 116 11.01 19.49 3.11
CA SER B 116 11.65 20.08 1.94
C SER B 116 11.56 19.17 0.72
N GLY B 117 10.34 18.82 0.34
CA GLY B 117 10.12 18.04 -0.87
C GLY B 117 8.66 17.94 -1.25
N ARG B 118 8.41 17.38 -2.42
CA ARG B 118 7.05 17.08 -2.84
C ARG B 118 6.52 15.91 -2.04
N LEU B 119 5.25 16.02 -1.65
CA LEU B 119 4.60 15.03 -0.81
C LEU B 119 3.34 14.52 -1.52
N PHE B 120 3.18 13.21 -1.61
CA PHE B 120 1.96 12.64 -2.18
C PHE B 120 1.01 12.21 -1.06
N GLY B 121 -0.28 12.37 -1.31
CA GLY B 121 -1.29 11.75 -0.45
C GLY B 121 -1.25 10.23 -0.57
N GLY B 122 -2.07 9.57 0.24
CA GLY B 122 -2.09 8.12 0.26
C GLY B 122 -2.84 7.50 -0.90
N GLY B 123 -3.63 8.33 -1.60
CA GLY B 123 -4.36 7.88 -2.78
C GLY B 123 -5.76 7.39 -2.42
N THR B 124 -6.71 7.68 -3.30
CA THR B 124 -8.08 7.26 -3.13
C THR B 124 -8.54 6.43 -4.32
N LYS B 125 -9.02 5.21 -4.05
CA LYS B 125 -9.64 4.41 -5.09
C LYS B 125 -11.04 4.93 -5.36
N LEU B 126 -11.33 5.21 -6.63
CA LEU B 126 -12.67 5.55 -7.07
C LEU B 126 -13.36 4.32 -7.67
N THR B 127 -14.49 3.95 -7.08
CA THR B 127 -15.25 2.80 -7.55
C THR B 127 -16.66 3.23 -7.98
N VAL B 128 -17.05 2.85 -9.18
CA VAL B 128 -18.46 2.91 -9.56
C VAL B 128 -19.23 1.72 -8.99
N LEU B 129 -20.10 2.01 -8.05
CA LEU B 129 -20.72 0.98 -7.24
C LEU B 129 -21.44 -0.04 -8.14
N GLY B 130 -21.07 -1.31 -8.00
CA GLY B 130 -21.81 -2.40 -8.63
C GLY B 130 -22.73 -3.11 -7.65
N GLN B 131 -22.60 -2.74 -6.39
CA GLN B 131 -23.45 -3.25 -5.31
C GLN B 131 -23.38 -2.23 -4.18
N PRO B 132 -24.29 -2.32 -3.20
CA PRO B 132 -24.30 -1.34 -2.13
C PRO B 132 -23.04 -1.41 -1.27
N LYS B 133 -22.67 -0.28 -0.67
CA LYS B 133 -21.53 -0.26 0.25
C LYS B 133 -21.74 -1.25 1.37
N ALA B 134 -20.66 -1.93 1.74
CA ALA B 134 -20.66 -2.87 2.84
C ALA B 134 -19.49 -2.54 3.74
N ALA B 135 -19.76 -2.52 5.04
CA ALA B 135 -18.78 -2.12 6.03
C ALA B 135 -17.89 -3.30 6.43
N PRO B 136 -16.62 -3.01 6.78
CA PRO B 136 -15.64 -4.04 7.11
C PRO B 136 -15.87 -4.68 8.47
N SER B 137 -15.76 -6.01 8.53
CA SER B 137 -15.57 -6.73 9.79
CA SER B 137 -15.57 -6.71 9.79
C SER B 137 -14.09 -6.90 10.06
N VAL B 138 -13.68 -6.70 11.30
CA VAL B 138 -12.27 -6.79 11.65
C VAL B 138 -12.07 -7.82 12.76
N THR B 139 -11.15 -8.74 12.51
CA THR B 139 -10.71 -9.70 13.50
C THR B 139 -9.23 -9.47 13.78
N LEU B 140 -8.88 -9.27 15.05
CA LEU B 140 -7.50 -9.04 15.43
C LEU B 140 -7.02 -10.10 16.40
N PHE B 141 -6.02 -10.87 15.99
CA PHE B 141 -5.39 -11.87 16.85
C PHE B 141 -4.08 -11.34 17.44
N PRO B 142 -3.86 -11.58 18.74
CA PRO B 142 -2.57 -11.29 19.35
C PRO B 142 -1.54 -12.34 18.97
N PRO B 143 -0.27 -12.09 19.31
CA PRO B 143 0.72 -13.15 19.12
C PRO B 143 0.35 -14.39 19.92
N SER B 144 0.64 -15.55 19.33
CA SER B 144 0.54 -16.82 20.04
C SER B 144 1.68 -16.96 21.05
N SER B 145 1.42 -17.71 22.11
CA SER B 145 2.47 -18.03 23.08
C SER B 145 3.60 -18.81 22.43
N GLU B 146 3.29 -19.61 21.40
CA GLU B 146 4.34 -20.35 20.71
C GLU B 146 5.28 -19.39 19.99
N GLU B 147 4.71 -18.41 19.28
CA GLU B 147 5.54 -17.44 18.56
C GLU B 147 6.44 -16.67 19.52
N LEU B 148 5.86 -16.22 20.63
CA LEU B 148 6.64 -15.47 21.61
C LEU B 148 7.79 -16.32 22.13
N GLN B 149 7.58 -17.63 22.23
CA GLN B 149 8.66 -18.53 22.62
C GLN B 149 9.74 -18.60 21.54
N ALA B 150 9.34 -18.36 20.29
CA ALA B 150 10.28 -18.37 19.18
C ALA B 150 10.90 -16.99 18.98
N ASN B 151 10.67 -16.10 19.96
CA ASN B 151 11.33 -14.79 20.00
CA ASN B 151 11.32 -14.78 20.00
C ASN B 151 10.84 -13.88 18.87
N LYS B 152 9.56 -14.01 18.55
CA LYS B 152 8.92 -13.15 17.58
C LYS B 152 7.50 -12.85 18.06
N ALA B 153 6.88 -11.86 17.44
CA ALA B 153 5.53 -11.47 17.79
C ALA B 153 4.82 -10.84 16.60
N THR B 154 3.74 -11.47 16.17
CA THR B 154 2.95 -10.98 15.04
C THR B 154 1.50 -10.79 15.43
N LEU B 155 1.02 -9.56 15.30
CA LEU B 155 -0.41 -9.29 15.44
C LEU B 155 -1.04 -9.42 14.07
N VAL B 156 -2.19 -10.08 14.01
CA VAL B 156 -2.81 -10.43 12.74
C VAL B 156 -4.18 -9.76 12.65
N CYS B 157 -4.33 -8.82 11.72
CA CYS B 157 -5.57 -8.07 11.56
C CYS B 157 -6.27 -8.45 10.25
N LEU B 158 -7.35 -9.22 10.37
CA LEU B 158 -8.07 -9.74 9.19
C LEU B 158 -9.32 -8.92 8.95
N ILE B 159 -9.42 -8.38 7.74
CA ILE B 159 -10.47 -7.42 7.40
C ILE B 159 -11.32 -8.00 6.27
N SER B 160 -12.62 -8.13 6.48
CA SER B 160 -13.49 -8.88 5.58
CA SER B 160 -13.45 -8.82 5.51
C SER B 160 -14.78 -8.10 5.30
N ASP B 161 -15.49 -8.51 4.25
CA ASP B 161 -16.88 -8.16 4.06
C ASP B 161 -17.11 -6.70 3.65
N PHE B 162 -16.11 -6.07 3.05
CA PHE B 162 -16.24 -4.66 2.70
C PHE B 162 -16.41 -4.41 1.19
N TYR B 163 -17.05 -3.29 0.89
CA TYR B 163 -17.23 -2.82 -0.48
C TYR B 163 -17.56 -1.34 -0.44
N PRO B 164 -16.82 -0.52 -1.19
CA PRO B 164 -15.90 -0.95 -2.25
C PRO B 164 -14.59 -1.50 -1.71
N GLY B 165 -13.73 -1.95 -2.62
CA GLY B 165 -12.47 -2.63 -2.24
C GLY B 165 -11.30 -1.68 -2.06
N ALA B 166 -11.31 -0.94 -0.95
CA ALA B 166 -10.15 -0.19 -0.51
C ALA B 166 -10.32 0.23 0.94
N VAL B 167 -9.25 0.06 1.72
CA VAL B 167 -9.24 0.47 3.11
C VAL B 167 -7.92 1.17 3.43
N THR B 168 -7.89 1.86 4.57
CA THR B 168 -6.64 2.29 5.18
C THR B 168 -6.49 1.57 6.52
N VAL B 169 -5.34 0.93 6.70
CA VAL B 169 -5.01 0.30 7.97
C VAL B 169 -3.95 1.10 8.74
N ALA B 170 -4.28 1.47 9.96
CA ALA B 170 -3.33 2.13 10.83
C ALA B 170 -3.11 1.28 12.07
N TRP B 171 -1.87 1.17 12.49
CA TRP B 171 -1.55 0.50 13.73
C TRP B 171 -1.16 1.51 14.80
N LYS B 172 -1.45 1.15 16.05
CA LYS B 172 -1.14 2.01 17.19
C LYS B 172 -0.54 1.18 18.31
N ALA B 173 0.40 1.79 19.04
CA ALA B 173 0.89 1.25 20.30
C ALA B 173 0.52 2.18 21.46
N ASP B 174 -0.22 1.66 22.43
CA ASP B 174 -0.82 2.51 23.45
C ASP B 174 -1.49 3.71 22.79
N SER B 175 -2.06 3.44 21.61
CA SER B 175 -2.85 4.44 20.87
C SER B 175 -2.02 5.62 20.36
N SER B 176 -0.72 5.41 20.21
CA SER B 176 0.09 6.22 19.31
C SER B 176 0.42 5.43 18.02
N PRO B 177 0.59 6.16 16.91
CA PRO B 177 0.80 5.51 15.61
C PRO B 177 2.12 4.75 15.55
N VAL B 178 2.07 3.54 15.01
CA VAL B 178 3.26 2.77 14.69
C VAL B 178 3.27 2.48 13.20
N LYS B 179 4.36 2.84 12.53
CA LYS B 179 4.49 2.61 11.10
C LYS B 179 5.44 1.45 10.78
N ALA B 180 6.40 1.20 11.67
CA ALA B 180 7.42 0.20 11.44
C ALA B 180 6.80 -1.19 11.56
N GLY B 181 7.28 -2.11 10.73
CA GLY B 181 6.96 -3.52 10.90
C GLY B 181 5.56 -3.85 10.44
N VAL B 182 5.03 -3.06 9.51
CA VAL B 182 3.66 -3.26 9.02
C VAL B 182 3.67 -3.83 7.61
N GLU B 183 2.91 -4.90 7.40
CA GLU B 183 2.75 -5.48 6.06
C GLU B 183 1.28 -5.68 5.76
N THR B 184 0.79 -5.04 4.70
CA THR B 184 -0.64 -5.02 4.42
C THR B 184 -0.91 -5.42 2.98
N THR B 185 -1.87 -6.31 2.77
CA THR B 185 -2.25 -6.72 1.41
C THR B 185 -3.18 -5.72 0.76
N THR B 186 -3.29 -5.84 -0.56
CA THR B 186 -4.40 -5.27 -1.29
C THR B 186 -5.69 -6.01 -0.96
N PRO B 187 -6.83 -5.40 -1.29
CA PRO B 187 -8.11 -6.10 -1.16
C PRO B 187 -8.32 -7.10 -2.30
N SER B 188 -8.85 -8.27 -1.97
CA SER B 188 -9.38 -9.20 -2.95
C SER B 188 -10.72 -9.71 -2.47
N LYS B 189 -11.58 -10.09 -3.42
CA LYS B 189 -12.89 -10.61 -3.06
C LYS B 189 -12.83 -12.02 -2.51
N GLN B 190 -13.70 -12.30 -1.55
CA GLN B 190 -14.02 -13.65 -1.11
C GLN B 190 -15.28 -14.15 -1.82
N SER B 191 -15.67 -15.38 -1.52
CA SER B 191 -16.75 -16.02 -2.25
C SER B 191 -18.07 -15.26 -2.10
N ASN B 192 -18.15 -14.42 -1.07
CA ASN B 192 -19.35 -13.64 -0.83
C ASN B 192 -19.42 -12.38 -1.68
N ASN B 193 -18.45 -12.22 -2.59
CA ASN B 193 -18.39 -11.08 -3.51
C ASN B 193 -18.16 -9.76 -2.78
N LYS B 194 -17.53 -9.85 -1.61
CA LYS B 194 -17.05 -8.68 -0.91
C LYS B 194 -15.56 -8.81 -0.67
N TYR B 195 -14.89 -7.68 -0.49
CA TYR B 195 -13.46 -7.64 -0.38
C TYR B 195 -12.96 -7.98 1.02
N ALA B 196 -11.76 -8.56 1.07
CA ALA B 196 -11.03 -8.81 2.28
C ALA B 196 -9.56 -8.43 2.08
N ALA B 197 -8.91 -8.07 3.19
CA ALA B 197 -7.47 -7.84 3.20
C ALA B 197 -6.91 -8.22 4.56
N SER B 198 -5.60 -8.33 4.64
CA SER B 198 -4.95 -8.65 5.91
C SER B 198 -3.77 -7.71 6.17
N SER B 199 -3.53 -7.42 7.44
CA SER B 199 -2.39 -6.60 7.83
C SER B 199 -1.72 -7.24 9.03
N TYR B 200 -0.40 -7.24 9.01
CA TYR B 200 0.42 -7.89 10.02
C TYR B 200 1.35 -6.87 10.64
N LEU B 201 1.38 -6.83 11.98
CA LEU B 201 2.35 -5.99 12.69
C LEU B 201 3.38 -6.85 13.39
N SER B 202 4.64 -6.60 13.07
CA SER B 202 5.76 -7.32 13.69
C SER B 202 6.35 -6.54 14.85
N LEU B 203 6.49 -7.22 15.98
CA LEU B 203 7.06 -6.63 17.19
C LEU B 203 8.11 -7.57 17.74
N THR B 204 8.92 -7.07 18.67
CA THR B 204 9.64 -7.95 19.56
C THR B 204 8.74 -8.38 20.71
N PRO B 205 9.03 -9.54 21.31
CA PRO B 205 8.29 -9.96 22.47
C PRO B 205 8.37 -8.92 23.59
N GLU B 206 9.48 -8.19 23.61
CA GLU B 206 9.70 -7.17 24.65
C GLU B 206 8.78 -5.97 24.44
N GLN B 207 8.62 -5.56 23.19
CA GLN B 207 7.65 -4.53 22.84
C GLN B 207 6.23 -4.95 23.19
N TRP B 208 5.85 -6.15 22.76
CA TRP B 208 4.50 -6.64 23.01
C TRP B 208 4.20 -6.60 24.51
N LYS B 209 5.12 -7.11 25.31
CA LYS B 209 4.93 -7.21 26.76
C LYS B 209 4.84 -5.84 27.44
N SER B 210 5.61 -4.88 26.93
CA SER B 210 5.90 -3.67 27.70
C SER B 210 4.85 -2.58 27.49
N HIS B 211 4.04 -2.72 26.45
CA HIS B 211 2.98 -1.76 26.15
C HIS B 211 1.66 -2.19 26.78
N ARG B 212 0.76 -1.22 26.98
CA ARG B 212 -0.55 -1.54 27.54
C ARG B 212 -1.41 -2.27 26.52
N SER B 213 -1.22 -1.92 25.25
CA SER B 213 -2.09 -2.42 24.20
C SER B 213 -1.59 -2.02 22.82
N TYR B 214 -2.03 -2.77 21.82
CA TYR B 214 -1.82 -2.42 20.43
C TYR B 214 -3.16 -2.44 19.71
N SER B 215 -3.29 -1.60 18.68
CA SER B 215 -4.56 -1.46 17.97
C SER B 215 -4.37 -1.59 16.46
N CYS B 216 -5.35 -2.21 15.81
CA CYS B 216 -5.50 -2.15 14.36
C CYS B 216 -6.73 -1.35 14.01
N GLN B 217 -6.53 -0.24 13.30
CA GLN B 217 -7.65 0.63 12.95
C GLN B 217 -7.86 0.63 11.44
N VAL B 218 -9.10 0.33 11.06
CA VAL B 218 -9.46 0.21 9.65
C VAL B 218 -10.45 1.31 9.28
N THR B 219 -10.10 2.07 8.26
CA THR B 219 -10.97 3.12 7.74
C THR B 219 -11.51 2.73 6.38
N HIS B 220 -12.82 2.89 6.22
CA HIS B 220 -13.51 2.55 4.98
C HIS B 220 -14.73 3.42 4.84
N GLU B 221 -14.78 4.20 3.76
CA GLU B 221 -15.89 5.12 3.51
C GLU B 221 -16.29 5.87 4.78
N GLY B 222 -17.53 5.69 5.23
CA GLY B 222 -17.97 6.26 6.51
C GLY B 222 -17.62 5.50 7.79
N SER B 223 -16.86 4.41 7.69
CA SER B 223 -16.63 3.54 8.84
C SER B 223 -15.19 3.72 9.33
N THR B 224 -15.00 3.85 10.64
CA THR B 224 -13.75 3.44 11.25
C THR B 224 -13.99 2.35 12.30
N VAL B 225 -13.25 1.26 12.17
CA VAL B 225 -13.33 0.17 13.12
C VAL B 225 -11.96 -0.08 13.72
N GLU B 226 -11.87 0.00 15.04
CA GLU B 226 -10.59 -0.18 15.72
C GLU B 226 -10.68 -1.28 16.76
N LYS B 227 -9.84 -2.31 16.57
CA LYS B 227 -9.75 -3.43 17.50
C LYS B 227 -8.42 -3.37 18.23
N THR B 228 -8.45 -3.66 19.52
CA THR B 228 -7.29 -3.48 20.41
C THR B 228 -7.04 -4.77 21.18
N VAL B 229 -5.79 -5.19 21.27
CA VAL B 229 -5.42 -6.36 22.06
C VAL B 229 -4.32 -6.00 23.05
N ALA B 230 -4.27 -6.73 24.17
CA ALA B 230 -3.30 -6.45 25.23
C ALA B 230 -2.62 -7.74 25.67
N PRO B 231 -1.35 -7.65 26.09
CA PRO B 231 -0.57 -8.83 26.49
C PRO B 231 -1.09 -9.50 27.77
#